data_7S6G
#
_entry.id   7S6G
#
_cell.length_a   63.590
_cell.length_b   40.670
_cell.length_c   106.680
_cell.angle_alpha   90.000
_cell.angle_beta   92.130
_cell.angle_gamma   90.000
#
_symmetry.space_group_name_H-M   'C 1 2 1'
#
loop_
_entity.id
_entity.type
_entity.pdbx_description
1 polymer 'Phosphonate ABC type transporter/ substrate binding component'
2 non-polymer 'CHLORIDE ION'
3 non-polymer 1,2-ETHANEDIOL
4 non-polymer 'PHOSPHATE ION'
5 water water
#
_entity_poly.entity_id   1
_entity_poly.type   'polypeptide(L)'
_entity_poly.pdbx_seq_one_letter_code
;GPMQPRLKVGAIPDQNPERLNRLYGQLADELSDRLNVKVRYVPVSNYPAAVSAFRTGGLDLVWFGGLTGVQARLQTPGAQ
VLAQRDIDARFRSVFIANTSSGLQPISSINGLTSLRGKRFSFGSESSTSGRLMPQHFLAKAGVTPSQFSGGRAGFSGSHD
ATIAVVQSGAYEAGALNEQVWTSAVNDGRVNTEKVSVIWRTPEYVDYHWVVRPKLDQRFGKGFTTRLQKAILGLEPTTPR
QVTILELFAAKRFIPVEASQYKPIEKVGRELGKIR
;
_entity_poly.pdbx_strand_id   A
#
loop_
_chem_comp.id
_chem_comp.type
_chem_comp.name
_chem_comp.formula
CL non-polymer 'CHLORIDE ION' 'Cl -1'
EDO non-polymer 1,2-ETHANEDIOL 'C2 H6 O2'
PO4 non-polymer 'PHOSPHATE ION' 'O4 P -3'
#
# COMPACT_ATOMS: atom_id res chain seq x y z
N GLY A 1 31.29 -9.62 -0.58
CA GLY A 1 31.34 -9.15 0.84
C GLY A 1 32.34 -9.97 1.64
N PRO A 2 33.12 -9.33 2.55
CA PRO A 2 33.94 -10.10 3.47
C PRO A 2 32.97 -10.77 4.46
N MET A 3 31.73 -10.27 4.57
CA MET A 3 30.70 -10.77 5.54
C MET A 3 29.75 -11.71 4.79
N GLN A 4 29.06 -12.58 5.54
CA GLN A 4 27.93 -13.36 4.97
C GLN A 4 26.84 -12.40 4.49
N PRO A 5 26.20 -12.63 3.33
CA PRO A 5 25.23 -11.66 2.79
C PRO A 5 23.94 -11.64 3.66
N ARG A 6 23.26 -10.50 3.71
CA ARG A 6 22.02 -10.26 4.49
C ARG A 6 20.96 -9.62 3.57
N LEU A 7 19.78 -10.21 3.45
CA LEU A 7 18.66 -9.64 2.66
C LEU A 7 17.92 -8.61 3.53
N LYS A 8 17.85 -7.37 3.07
CA LYS A 8 17.13 -6.25 3.71
C LYS A 8 15.73 -6.16 3.12
N VAL A 9 14.75 -6.36 3.97
CA VAL A 9 13.33 -6.35 3.53
C VAL A 9 12.72 -5.06 4.05
N GLY A 10 11.94 -4.37 3.22
CA GLY A 10 11.23 -3.13 3.61
C GLY A 10 9.80 -3.16 3.14
N ALA A 11 9.06 -2.12 3.50
CA ALA A 11 7.65 -1.97 3.19
C ALA A 11 7.32 -0.49 3.31
N ILE A 12 6.43 -0.03 2.45
CA ILE A 12 5.88 1.34 2.63
C ILE A 12 5.21 1.39 4.01
N PRO A 13 5.41 2.53 4.70
CA PRO A 13 4.83 2.72 6.03
C PRO A 13 3.35 3.13 6.02
N ASP A 14 2.47 2.16 5.66
CA ASP A 14 1.09 2.45 5.22
C ASP A 14 0.12 2.34 6.39
N GLN A 15 0.61 1.96 7.57
CA GLN A 15 -0.22 1.86 8.78
C GLN A 15 0.71 1.87 10.02
N ASN A 16 0.12 1.70 11.18
CA ASN A 16 0.81 1.79 12.49
C ASN A 16 2.13 1.01 12.42
N PRO A 17 3.27 1.67 12.74
CA PRO A 17 4.57 1.00 12.69
C PRO A 17 4.72 -0.22 13.61
N GLU A 18 3.97 -0.25 14.71
CA GLU A 18 4.00 -1.38 15.68
C GLU A 18 3.39 -2.63 15.06
N ARG A 19 2.30 -2.44 14.32
CA ARG A 19 1.67 -3.52 13.52
C ARG A 19 2.62 -3.95 12.40
N LEU A 20 3.26 -3.01 11.72
CA LEU A 20 4.15 -3.38 10.59
C LEU A 20 5.40 -4.09 11.11
N ASN A 21 5.90 -3.69 12.28
CA ASN A 21 7.06 -4.38 12.86
C ASN A 21 6.72 -5.84 13.20
N ARG A 22 5.51 -6.10 13.73
CA ARG A 22 5.05 -7.48 14.02
C ARG A 22 4.98 -8.25 12.70
N LEU A 23 4.41 -7.67 11.64
CA LEU A 23 4.24 -8.39 10.35
C LEU A 23 5.61 -8.64 9.71
N TYR A 24 6.44 -7.60 9.47
CA TYR A 24 7.65 -7.75 8.65
C TYR A 24 8.76 -8.44 9.45
N GLY A 25 8.81 -8.22 10.75
CA GLY A 25 9.78 -8.95 11.61
C GLY A 25 9.51 -10.43 11.59
N GLN A 26 8.25 -10.84 11.69
CA GLN A 26 7.94 -12.29 11.59
C GLN A 26 8.19 -12.77 10.16
N LEU A 27 7.83 -11.96 9.16
CA LEU A 27 8.08 -12.38 7.75
C LEU A 27 9.58 -12.54 7.47
N ALA A 28 10.43 -11.69 8.05
CA ALA A 28 11.90 -11.82 7.87
C ALA A 28 12.36 -13.19 8.41
N ASP A 29 11.88 -13.58 9.59
CA ASP A 29 12.28 -14.88 10.21
C ASP A 29 11.75 -15.98 9.31
N GLU A 30 10.54 -15.86 8.78
CA GLU A 30 9.95 -16.93 7.92
C GLU A 30 10.77 -17.07 6.63
N LEU A 31 11.15 -15.95 5.99
CA LEU A 31 11.97 -16.03 4.75
C LEU A 31 13.34 -16.59 5.09
N SER A 32 13.86 -16.25 6.26
CA SER A 32 15.22 -16.66 6.68
C SER A 32 15.20 -18.19 6.74
N ASP A 33 14.20 -18.75 7.39
CA ASP A 33 14.04 -20.22 7.60
C ASP A 33 13.82 -20.91 6.26
N ARG A 34 13.00 -20.34 5.39
CA ARG A 34 12.69 -20.94 4.05
C ARG A 34 13.91 -20.89 3.13
N LEU A 35 14.72 -19.83 3.24
CA LEU A 35 15.88 -19.61 2.31
C LEU A 35 17.21 -20.07 2.87
N ASN A 36 17.33 -20.20 4.20
CA ASN A 36 18.61 -20.38 4.93
C ASN A 36 19.59 -19.25 4.55
N VAL A 37 19.14 -18.00 4.66
CA VAL A 37 20.03 -16.80 4.57
C VAL A 37 19.56 -15.85 5.67
N LYS A 38 20.41 -14.91 6.00
CA LYS A 38 20.09 -13.82 6.94
C LYS A 38 19.07 -12.89 6.28
N VAL A 39 17.98 -12.58 6.96
CA VAL A 39 16.94 -11.63 6.48
C VAL A 39 16.60 -10.68 7.64
N ARG A 40 16.55 -9.37 7.38
CA ARG A 40 16.21 -8.36 8.38
C ARG A 40 15.14 -7.43 7.78
N TYR A 41 14.14 -7.05 8.57
CA TYR A 41 13.22 -5.94 8.23
C TYR A 41 13.91 -4.62 8.61
N VAL A 42 13.95 -3.70 7.66
CA VAL A 42 14.47 -2.33 7.88
C VAL A 42 13.31 -1.36 7.59
N PRO A 43 12.74 -0.75 8.65
CA PRO A 43 11.63 0.20 8.48
C PRO A 43 12.09 1.53 7.84
N VAL A 44 11.15 2.26 7.23
CA VAL A 44 11.37 3.65 6.74
C VAL A 44 10.25 4.52 7.29
N SER A 45 10.47 5.82 7.28
CA SER A 45 9.58 6.83 7.91
C SER A 45 8.51 7.31 6.96
N ASN A 46 8.69 7.24 5.65
CA ASN A 46 7.61 7.69 4.72
C ASN A 46 7.67 6.91 3.41
N TYR A 47 6.76 7.15 2.51
CA TYR A 47 6.67 6.36 1.26
C TYR A 47 7.87 6.65 0.36
N PRO A 48 8.26 7.93 0.13
CA PRO A 48 9.42 8.19 -0.73
C PRO A 48 10.71 7.54 -0.21
N ALA A 49 10.89 7.40 1.09
CA ALA A 49 12.11 6.78 1.66
C ALA A 49 12.20 5.29 1.24
N ALA A 50 11.05 4.63 1.07
CA ALA A 50 11.03 3.22 0.60
C ALA A 50 11.56 3.17 -0.81
N VAL A 51 11.07 4.06 -1.67
CA VAL A 51 11.53 4.14 -3.08
C VAL A 51 13.03 4.40 -3.14
N SER A 52 13.49 5.42 -2.41
CA SER A 52 14.89 5.87 -2.44
C SER A 52 15.83 4.78 -1.87
N ALA A 53 15.50 4.19 -0.73
CA ALA A 53 16.37 3.13 -0.13
C ALA A 53 16.41 1.92 -1.09
N PHE A 54 15.31 1.59 -1.73
CA PHE A 54 15.34 0.50 -2.73
C PHE A 54 16.33 0.89 -3.85
N ARG A 55 16.13 2.06 -4.43
CA ARG A 55 16.93 2.54 -5.57
C ARG A 55 18.43 2.45 -5.25
N THR A 56 18.83 2.86 -4.05
CA THR A 56 20.25 3.04 -3.67
C THR A 56 20.81 1.75 -3.03
N GLY A 57 20.02 0.70 -2.75
CA GLY A 57 20.54 -0.56 -2.21
C GLY A 57 20.41 -0.64 -0.71
N GLY A 58 19.81 0.35 -0.05
CA GLY A 58 19.46 0.28 1.38
C GLY A 58 18.42 -0.81 1.65
N LEU A 59 17.59 -1.22 0.66
CA LEU A 59 16.55 -2.28 0.75
C LEU A 59 16.68 -3.15 -0.49
N ASP A 60 16.59 -4.44 -0.35
CA ASP A 60 16.70 -5.41 -1.46
C ASP A 60 15.32 -5.86 -1.96
N LEU A 61 14.39 -6.03 -1.04
CA LEU A 61 13.03 -6.55 -1.32
C LEU A 61 12.02 -5.69 -0.59
N VAL A 62 11.06 -5.09 -1.29
CA VAL A 62 10.16 -4.11 -0.65
C VAL A 62 8.72 -4.41 -1.05
N TRP A 63 7.85 -4.33 -0.05
CA TRP A 63 6.37 -4.37 -0.22
C TRP A 63 5.92 -2.95 -0.56
N PHE A 64 5.68 -2.73 -1.84
CA PHE A 64 5.35 -1.41 -2.42
C PHE A 64 3.85 -1.34 -2.68
N GLY A 65 3.35 -0.12 -2.68
CA GLY A 65 2.09 0.24 -3.34
C GLY A 65 2.26 0.23 -4.86
N GLY A 66 1.15 0.35 -5.60
CA GLY A 66 1.12 0.53 -7.07
C GLY A 66 2.02 1.68 -7.50
N LEU A 67 1.72 2.88 -7.06
CA LEU A 67 2.52 4.07 -7.46
C LEU A 67 3.98 3.90 -7.04
N THR A 68 4.27 3.59 -5.77
CA THR A 68 5.67 3.56 -5.26
C THR A 68 6.44 2.43 -5.97
N GLY A 69 5.82 1.28 -6.22
CA GLY A 69 6.51 0.17 -6.90
C GLY A 69 6.81 0.51 -8.35
N VAL A 70 5.92 1.23 -9.04
CA VAL A 70 6.16 1.71 -10.41
C VAL A 70 7.33 2.69 -10.37
N GLN A 71 7.33 3.61 -9.39
CA GLN A 71 8.42 4.61 -9.30
C GLN A 71 9.74 3.87 -9.06
N ALA A 72 9.74 2.91 -8.13
CA ALA A 72 10.97 2.17 -7.74
C ALA A 72 11.50 1.41 -8.96
N ARG A 73 10.63 0.73 -9.70
CA ARG A 73 11.08 0.01 -10.90
C ARG A 73 11.54 1.00 -11.99
N LEU A 74 10.86 2.14 -12.24
CA LEU A 74 11.34 3.09 -13.27
C LEU A 74 12.74 3.63 -12.90
N GLN A 75 13.08 3.72 -11.61
CA GLN A 75 14.32 4.38 -11.14
C GLN A 75 15.44 3.34 -10.96
N THR A 76 15.13 2.06 -11.08
CA THR A 76 16.08 0.97 -10.72
C THR A 76 16.11 -0.06 -11.86
N PRO A 77 17.04 0.12 -12.83
CA PRO A 77 17.18 -0.83 -13.94
C PRO A 77 17.37 -2.27 -13.45
N GLY A 78 16.55 -3.19 -13.97
CA GLY A 78 16.61 -4.62 -13.65
C GLY A 78 15.81 -5.01 -12.42
N ALA A 79 15.17 -4.09 -11.69
CA ALA A 79 14.23 -4.44 -10.60
C ALA A 79 13.12 -5.34 -11.16
N GLN A 80 12.69 -6.36 -10.44
CA GLN A 80 11.56 -7.21 -10.90
C GLN A 80 10.44 -7.20 -9.88
N VAL A 81 9.23 -7.36 -10.39
CA VAL A 81 8.05 -7.62 -9.55
C VAL A 81 7.97 -9.12 -9.32
N LEU A 82 7.71 -9.55 -8.08
CA LEU A 82 7.77 -10.98 -7.72
C LEU A 82 6.38 -11.53 -7.45
N ALA A 83 5.51 -10.78 -6.76
CA ALA A 83 4.20 -11.31 -6.30
C ALA A 83 3.31 -10.18 -5.80
N GLN A 84 2.07 -10.55 -5.50
CA GLN A 84 1.04 -9.67 -4.93
C GLN A 84 0.16 -10.57 -4.10
N ARG A 85 -0.68 -10.02 -3.23
CA ARG A 85 -1.75 -10.81 -2.61
C ARG A 85 -2.81 -11.12 -3.67
N ASP A 86 -3.55 -12.20 -3.47
CA ASP A 86 -4.83 -12.44 -4.17
C ASP A 86 -5.63 -11.13 -4.29
N ILE A 87 -5.80 -10.38 -3.20
CA ILE A 87 -6.72 -9.20 -3.18
C ILE A 87 -6.14 -8.02 -3.98
N ASP A 88 -4.83 -7.98 -4.26
CA ASP A 88 -4.17 -6.81 -4.92
C ASP A 88 -4.49 -6.76 -6.42
N ALA A 89 -4.98 -7.86 -7.01
CA ALA A 89 -5.38 -7.94 -8.43
C ALA A 89 -6.61 -7.06 -8.67
N ARG A 90 -7.46 -6.90 -7.65
CA ARG A 90 -8.78 -6.26 -7.69
C ARG A 90 -8.96 -5.34 -6.48
N PHE A 91 -8.04 -4.40 -6.26
CA PHE A 91 -8.00 -3.59 -5.03
C PHE A 91 -9.03 -2.47 -5.17
N ARG A 92 -9.52 -1.95 -4.03
CA ARG A 92 -10.39 -0.74 -4.02
C ARG A 92 -9.96 0.22 -2.90
N SER A 93 -10.31 1.50 -3.06
CA SER A 93 -10.33 2.53 -1.99
C SER A 93 -11.77 2.61 -1.47
N VAL A 94 -11.91 2.96 -0.22
CA VAL A 94 -13.17 3.43 0.39
C VAL A 94 -13.05 4.92 0.64
N PHE A 95 -14.10 5.64 0.30
CA PHE A 95 -14.29 7.04 0.74
C PHE A 95 -15.13 6.95 2.01
N ILE A 96 -14.62 7.57 3.05
CA ILE A 96 -15.24 7.50 4.39
C ILE A 96 -15.66 8.92 4.75
N ALA A 97 -16.63 9.03 5.64
CA ALA A 97 -17.04 10.33 6.18
C ALA A 97 -17.42 10.18 7.66
N ASN A 98 -17.17 11.23 8.40
CA ASN A 98 -17.68 11.38 9.78
C ASN A 98 -19.23 11.42 9.70
N THR A 99 -19.92 10.67 10.56
CA THR A 99 -21.40 10.52 10.51
C THR A 99 -22.09 11.80 10.98
N SER A 100 -21.35 12.82 11.43
CA SER A 100 -21.96 14.14 11.66
C SER A 100 -21.83 15.05 10.43
N SER A 101 -21.27 14.62 9.32
CA SER A 101 -20.85 15.55 8.25
C SER A 101 -22.05 15.81 7.33
N GLY A 102 -23.07 14.96 7.41
CA GLY A 102 -24.25 14.98 6.52
C GLY A 102 -23.96 14.34 5.18
N LEU A 103 -22.76 13.78 4.97
CA LEU A 103 -22.46 13.15 3.65
C LEU A 103 -23.19 11.81 3.58
N GLN A 104 -23.90 11.59 2.49
CA GLN A 104 -24.76 10.42 2.23
C GLN A 104 -23.97 9.42 1.41
N PRO A 105 -24.35 8.13 1.45
CA PRO A 105 -23.82 7.13 0.53
C PRO A 105 -23.97 7.65 -0.91
N ILE A 106 -22.97 7.37 -1.73
CA ILE A 106 -22.83 7.79 -3.15
C ILE A 106 -23.10 6.53 -3.99
N SER A 107 -23.98 6.64 -4.98
CA SER A 107 -24.45 5.51 -5.83
C SER A 107 -23.76 5.56 -7.20
N SER A 108 -23.03 6.63 -7.50
CA SER A 108 -22.26 6.75 -8.75
C SER A 108 -21.10 7.70 -8.50
N ILE A 109 -20.14 7.67 -9.40
CA ILE A 109 -18.93 8.52 -9.35
C ILE A 109 -19.35 10.00 -9.37
N ASN A 110 -20.39 10.33 -10.15
CA ASN A 110 -20.97 11.70 -10.27
C ASN A 110 -21.35 12.22 -8.89
N GLY A 111 -21.80 11.37 -7.98
CA GLY A 111 -22.11 11.74 -6.58
C GLY A 111 -20.92 12.28 -5.80
N LEU A 112 -19.68 12.15 -6.31
CA LEU A 112 -18.48 12.64 -5.57
C LEU A 112 -18.51 14.17 -5.50
N THR A 113 -19.34 14.84 -6.32
CA THR A 113 -19.47 16.32 -6.29
C THR A 113 -19.91 16.76 -4.90
N SER A 114 -20.50 15.88 -4.12
CA SER A 114 -20.93 16.18 -2.73
C SER A 114 -19.75 16.57 -1.83
N LEU A 115 -18.51 16.20 -2.20
CA LEU A 115 -17.32 16.49 -1.37
C LEU A 115 -16.75 17.89 -1.60
N ARG A 116 -17.26 18.63 -2.59
CA ARG A 116 -16.84 20.05 -2.79
C ARG A 116 -17.15 20.83 -1.51
N GLY A 117 -16.19 21.64 -1.07
CA GLY A 117 -16.34 22.48 0.12
C GLY A 117 -16.18 21.71 1.43
N LYS A 118 -15.92 20.39 1.40
CA LYS A 118 -15.69 19.62 2.66
C LYS A 118 -14.20 19.54 3.00
N ARG A 119 -13.89 19.36 4.29
CA ARG A 119 -12.54 19.04 4.81
C ARG A 119 -12.31 17.57 4.45
N PHE A 120 -11.34 17.31 3.56
CA PHE A 120 -11.07 15.98 3.00
C PHE A 120 -9.59 15.62 3.17
N SER A 121 -9.31 14.41 3.65
CA SER A 121 -7.91 13.93 3.83
C SER A 121 -7.63 12.73 2.94
N PHE A 122 -6.58 12.85 2.14
CA PHE A 122 -5.85 11.73 1.52
C PHE A 122 -4.93 11.13 2.57
N GLY A 123 -4.34 9.99 2.23
CA GLY A 123 -3.25 9.38 2.99
C GLY A 123 -1.91 10.00 2.61
N SER A 124 -0.90 9.17 2.44
CA SER A 124 0.42 9.61 1.92
C SER A 124 0.21 10.29 0.56
N GLU A 125 0.98 11.34 0.30
CA GLU A 125 1.12 11.97 -1.03
C GLU A 125 1.36 10.93 -2.11
N SER A 126 2.07 9.84 -1.82
CA SER A 126 2.53 8.83 -2.81
C SER A 126 1.66 7.57 -2.75
N SER A 127 0.55 7.61 -2.06
CA SER A 127 -0.31 6.43 -1.85
C SER A 127 -1.20 6.21 -3.08
N THR A 128 -1.31 4.96 -3.49
CA THR A 128 -2.22 4.58 -4.60
C THR A 128 -3.68 4.61 -4.13
N SER A 129 -3.98 3.81 -3.12
CA SER A 129 -5.36 3.65 -2.56
C SER A 129 -5.77 4.82 -1.69
N GLY A 130 -4.81 5.64 -1.22
CA GLY A 130 -5.11 6.77 -0.33
C GLY A 130 -5.01 8.13 -1.00
N ARG A 131 -4.55 8.19 -2.25
CA ARG A 131 -4.32 9.50 -2.90
C ARG A 131 -4.54 9.38 -4.39
N LEU A 132 -3.74 8.60 -5.09
CA LEU A 132 -3.70 8.67 -6.57
C LEU A 132 -5.04 8.25 -7.14
N MET A 133 -5.49 7.05 -6.81
CA MET A 133 -6.74 6.58 -7.46
C MET A 133 -7.92 7.40 -6.96
N PRO A 134 -8.03 7.73 -5.65
CA PRO A 134 -9.07 8.65 -5.20
C PRO A 134 -9.07 9.96 -6.00
N GLN A 135 -7.90 10.57 -6.18
CA GLN A 135 -7.80 11.85 -6.92
C GLN A 135 -8.23 11.63 -8.39
N HIS A 136 -7.91 10.47 -8.95
CA HIS A 136 -8.30 10.08 -10.32
C HIS A 136 -9.83 10.03 -10.42
N PHE A 137 -10.49 9.31 -9.52
CA PHE A 137 -11.97 9.14 -9.55
C PHE A 137 -12.62 10.48 -9.28
N LEU A 138 -12.10 11.25 -8.34
CA LEU A 138 -12.62 12.61 -8.07
C LEU A 138 -12.57 13.41 -9.37
N ALA A 139 -11.44 13.38 -10.11
CA ALA A 139 -11.27 14.22 -11.31
C ALA A 139 -12.28 13.80 -12.38
N LYS A 140 -12.65 12.52 -12.47
CA LYS A 140 -13.65 12.04 -13.47
C LYS A 140 -15.06 12.58 -13.14
N ALA A 141 -15.34 12.84 -11.87
CA ALA A 141 -16.60 13.46 -11.38
C ALA A 141 -16.55 14.99 -11.56
N GLY A 142 -15.40 15.55 -11.89
CA GLY A 142 -15.14 16.99 -12.06
C GLY A 142 -14.78 17.67 -10.76
N VAL A 143 -14.21 16.94 -9.79
CA VAL A 143 -13.79 17.48 -8.48
C VAL A 143 -12.27 17.46 -8.44
N THR A 144 -11.66 18.59 -8.09
CA THR A 144 -10.21 18.71 -7.88
C THR A 144 -10.01 19.11 -6.42
N PRO A 145 -8.89 18.72 -5.78
CA PRO A 145 -8.62 19.07 -4.38
C PRO A 145 -8.66 20.58 -4.05
N SER A 146 -8.43 21.40 -5.08
CA SER A 146 -8.58 22.88 -4.99
C SER A 146 -9.99 23.23 -4.49
N GLN A 147 -10.97 22.36 -4.70
CA GLN A 147 -12.40 22.59 -4.42
C GLN A 147 -12.79 22.16 -2.99
N PHE A 148 -11.88 21.50 -2.26
CA PHE A 148 -12.12 21.10 -0.86
C PHE A 148 -12.05 22.35 0.02
N SER A 149 -12.65 22.32 1.21
CA SER A 149 -12.48 23.35 2.24
C SER A 149 -10.99 23.63 2.44
N GLY A 150 -10.59 24.91 2.33
CA GLY A 150 -9.20 25.37 2.54
C GLY A 150 -8.41 25.38 1.26
N GLY A 151 -9.02 24.98 0.13
CA GLY A 151 -8.36 25.05 -1.18
C GLY A 151 -7.38 23.91 -1.37
N ARG A 152 -7.39 22.90 -0.49
CA ARG A 152 -6.49 21.74 -0.69
C ARG A 152 -6.97 20.56 0.17
N ALA A 153 -6.46 19.37 -0.15
CA ALA A 153 -6.64 18.13 0.66
C ALA A 153 -5.63 18.12 1.80
N GLY A 154 -6.00 17.50 2.92
CA GLY A 154 -5.04 17.02 3.91
C GLY A 154 -4.32 15.79 3.36
N PHE A 155 -3.11 15.55 3.84
CA PHE A 155 -2.36 14.29 3.63
C PHE A 155 -2.01 13.71 4.99
N SER A 156 -2.62 12.60 5.37
CA SER A 156 -2.48 12.07 6.74
C SER A 156 -1.18 11.29 6.89
N GLY A 157 -0.64 10.81 5.78
CA GLY A 157 0.58 9.99 5.75
C GLY A 157 0.30 8.50 5.75
N SER A 158 -0.88 8.05 6.14
CA SER A 158 -1.06 6.58 6.24
C SER A 158 -2.55 6.22 6.26
N HIS A 159 -2.88 4.99 5.95
CA HIS A 159 -4.29 4.55 5.93
C HIS A 159 -4.88 4.65 7.34
N ASP A 160 -4.14 4.18 8.37
CA ASP A 160 -4.54 4.30 9.79
C ASP A 160 -4.82 5.76 10.13
N ALA A 161 -3.92 6.66 9.78
CA ALA A 161 -4.05 8.08 10.17
C ALA A 161 -5.26 8.71 9.46
N THR A 162 -5.62 8.26 8.24
CA THR A 162 -6.80 8.80 7.51
C THR A 162 -8.06 8.43 8.31
N ILE A 163 -8.15 7.19 8.75
CA ILE A 163 -9.30 6.78 9.61
C ILE A 163 -9.30 7.70 10.85
N ALA A 164 -8.16 7.87 11.50
CA ALA A 164 -8.11 8.61 12.79
C ALA A 164 -8.55 10.09 12.60
N VAL A 165 -8.19 10.77 11.51
CA VAL A 165 -8.50 12.23 11.38
C VAL A 165 -9.95 12.45 10.92
N VAL A 166 -10.56 11.48 10.26
CA VAL A 166 -12.00 11.51 9.98
C VAL A 166 -12.77 11.13 11.25
N GLN A 167 -12.36 10.07 11.95
CA GLN A 167 -13.02 9.66 13.22
C GLN A 167 -13.04 10.82 14.23
N SER A 168 -11.95 11.59 14.31
CA SER A 168 -11.84 12.68 15.30
C SER A 168 -12.73 13.85 14.89
N GLY A 169 -13.18 13.93 13.62
CA GLY A 169 -13.84 15.15 13.11
C GLY A 169 -12.89 16.25 12.65
N ALA A 170 -11.57 16.05 12.75
CA ALA A 170 -10.62 17.01 12.18
C ALA A 170 -10.85 17.14 10.64
N TYR A 171 -11.23 16.06 9.96
CA TYR A 171 -11.69 16.10 8.55
C TYR A 171 -13.09 15.50 8.52
N GLU A 172 -13.84 15.85 7.49
CA GLU A 172 -15.22 15.38 7.35
C GLU A 172 -15.21 14.09 6.55
N ALA A 173 -14.19 13.90 5.70
CA ALA A 173 -14.15 12.73 4.81
C ALA A 173 -12.70 12.45 4.44
N GLY A 174 -12.49 11.29 3.86
CA GLY A 174 -11.13 10.91 3.38
C GLY A 174 -11.22 9.69 2.50
N ALA A 175 -10.08 9.24 2.00
CA ALA A 175 -10.04 8.02 1.20
C ALA A 175 -8.87 7.16 1.67
N LEU A 176 -9.07 5.86 1.64
CA LEU A 176 -8.06 4.89 2.08
C LEU A 176 -8.27 3.50 1.48
N ASN A 177 -7.21 2.71 1.63
CA ASN A 177 -7.12 1.26 1.43
C ASN A 177 -8.34 0.52 2.01
N GLU A 178 -9.06 -0.23 1.19
CA GLU A 178 -10.26 -0.98 1.67
C GLU A 178 -9.84 -2.12 2.60
N GLN A 179 -8.71 -2.77 2.36
CA GLN A 179 -8.33 -3.88 3.25
C GLN A 179 -8.06 -3.33 4.67
N VAL A 180 -7.37 -2.20 4.78
CA VAL A 180 -7.04 -1.62 6.11
C VAL A 180 -8.34 -1.19 6.80
N TRP A 181 -9.29 -0.62 6.04
CA TRP A 181 -10.62 -0.25 6.56
C TRP A 181 -11.32 -1.50 7.12
N THR A 182 -11.46 -2.53 6.30
CA THR A 182 -12.21 -3.75 6.67
C THR A 182 -11.57 -4.39 7.90
N SER A 183 -10.24 -4.53 7.93
CA SER A 183 -9.51 -5.10 9.10
C SER A 183 -9.74 -4.24 10.34
N ALA A 184 -9.76 -2.91 10.20
CA ALA A 184 -9.94 -2.03 11.37
C ALA A 184 -11.40 -2.19 11.90
N VAL A 185 -12.38 -2.23 11.01
CA VAL A 185 -13.79 -2.47 11.41
C VAL A 185 -13.87 -3.79 12.19
N ASN A 186 -13.35 -4.85 11.60
CA ASN A 186 -13.38 -6.21 12.18
C ASN A 186 -12.66 -6.24 13.53
N ASP A 187 -11.62 -5.43 13.74
CA ASP A 187 -10.74 -5.57 14.93
C ASP A 187 -11.26 -4.69 16.07
N GLY A 188 -12.20 -3.78 15.80
CA GLY A 188 -12.70 -2.83 16.82
C GLY A 188 -11.86 -1.56 16.85
N ARG A 189 -11.00 -1.33 15.86
CA ARG A 189 -10.10 -0.15 15.90
C ARG A 189 -10.74 1.09 15.25
N VAL A 190 -11.97 0.97 14.76
CA VAL A 190 -12.72 2.14 14.25
C VAL A 190 -14.12 2.16 14.85
N ASN A 191 -14.54 3.33 15.27
CA ASN A 191 -15.90 3.55 15.83
C ASN A 191 -16.86 3.74 14.67
N THR A 192 -17.58 2.69 14.28
CA THR A 192 -18.49 2.71 13.12
C THR A 192 -19.74 3.55 13.39
N GLU A 193 -19.92 4.05 14.60
CA GLU A 193 -20.96 5.08 14.92
C GLU A 193 -20.48 6.46 14.44
N LYS A 194 -19.15 6.67 14.39
CA LYS A 194 -18.57 7.98 14.02
C LYS A 194 -18.18 8.03 12.53
N VAL A 195 -17.82 6.90 11.92
CA VAL A 195 -17.27 6.79 10.54
C VAL A 195 -17.99 5.70 9.77
N SER A 196 -18.36 6.02 8.53
CA SER A 196 -18.98 5.07 7.61
C SER A 196 -18.42 5.30 6.22
N VAL A 197 -18.52 4.27 5.41
CA VAL A 197 -18.14 4.28 3.98
C VAL A 197 -19.25 4.97 3.16
N ILE A 198 -18.91 5.97 2.38
CA ILE A 198 -19.87 6.65 1.45
C ILE A 198 -19.69 6.13 0.02
N TRP A 199 -18.55 5.54 -0.32
CA TRP A 199 -18.29 5.09 -1.71
C TRP A 199 -17.16 4.06 -1.71
N ARG A 200 -17.28 3.06 -2.58
CA ARG A 200 -16.18 2.10 -2.88
C ARG A 200 -15.82 2.33 -4.35
N THR A 201 -14.54 2.52 -4.66
CA THR A 201 -14.08 2.81 -6.03
C THR A 201 -14.20 1.56 -6.91
N PRO A 202 -14.15 1.73 -8.24
CA PRO A 202 -13.81 0.63 -9.14
C PRO A 202 -12.48 -0.03 -8.76
N GLU A 203 -12.30 -1.27 -9.21
CA GLU A 203 -11.09 -2.08 -8.95
C GLU A 203 -9.89 -1.53 -9.72
N TYR A 204 -8.71 -1.59 -9.13
CA TYR A 204 -7.40 -1.31 -9.77
C TYR A 204 -6.37 -2.25 -9.14
N VAL A 205 -5.18 -2.33 -9.71
CA VAL A 205 -4.11 -3.16 -9.11
C VAL A 205 -3.34 -2.27 -8.11
N ASP A 206 -2.76 -2.81 -7.06
CA ASP A 206 -2.06 -2.00 -6.02
C ASP A 206 -0.79 -2.69 -5.54
N TYR A 207 -0.79 -3.32 -4.38
CA TYR A 207 0.47 -3.69 -3.70
C TYR A 207 1.16 -4.83 -4.44
N HIS A 208 2.48 -4.81 -4.39
CA HIS A 208 3.33 -5.92 -4.89
C HIS A 208 4.73 -5.84 -4.30
N TRP A 209 5.39 -6.99 -4.29
CA TRP A 209 6.81 -7.13 -3.98
C TRP A 209 7.64 -6.76 -5.20
N VAL A 210 8.61 -5.90 -4.98
CA VAL A 210 9.68 -5.58 -5.95
C VAL A 210 11.03 -5.97 -5.34
N VAL A 211 11.85 -6.60 -6.15
CA VAL A 211 13.19 -7.09 -5.78
C VAL A 211 14.26 -6.38 -6.64
N ARG A 212 15.37 -6.03 -5.99
CA ARG A 212 16.56 -5.43 -6.63
C ARG A 212 17.16 -6.44 -7.61
N PRO A 213 17.88 -5.95 -8.64
CA PRO A 213 18.61 -6.79 -9.58
C PRO A 213 19.85 -7.36 -8.88
N LYS A 214 20.38 -8.43 -9.49
CA LYS A 214 21.72 -8.99 -9.20
C LYS A 214 21.83 -9.56 -7.79
N LEU A 215 20.74 -9.97 -7.16
CA LEU A 215 20.85 -10.61 -5.85
C LEU A 215 21.54 -11.99 -6.01
N ASP A 216 21.42 -12.64 -7.16
CA ASP A 216 22.12 -13.91 -7.41
C ASP A 216 23.66 -13.73 -7.33
N GLN A 217 24.20 -12.54 -7.58
CA GLN A 217 25.67 -12.33 -7.44
C GLN A 217 26.03 -12.35 -5.96
N ARG A 218 25.13 -11.90 -5.08
CA ARG A 218 25.40 -11.79 -3.64
C ARG A 218 25.08 -13.13 -2.97
N PHE A 219 24.01 -13.81 -3.37
CA PHE A 219 23.53 -14.99 -2.59
C PHE A 219 23.66 -16.31 -3.38
N GLY A 220 24.02 -16.24 -4.65
CA GLY A 220 24.27 -17.42 -5.49
C GLY A 220 23.16 -17.69 -6.47
N LYS A 221 23.53 -18.38 -7.54
CA LYS A 221 22.67 -18.64 -8.70
C LYS A 221 21.35 -19.21 -8.20
N GLY A 222 20.21 -18.66 -8.60
CA GLY A 222 18.88 -19.23 -8.34
C GLY A 222 18.20 -18.58 -7.14
N PHE A 223 18.91 -17.74 -6.40
CA PHE A 223 18.40 -17.21 -5.12
C PHE A 223 17.10 -16.43 -5.39
N THR A 224 17.10 -15.56 -6.39
CA THR A 224 15.93 -14.66 -6.62
C THR A 224 14.67 -15.51 -6.89
N THR A 225 14.81 -16.57 -7.65
CA THR A 225 13.72 -17.55 -7.89
C THR A 225 13.35 -18.23 -6.58
N ARG A 226 14.33 -18.63 -5.76
CA ARG A 226 13.98 -19.27 -4.47
C ARG A 226 13.21 -18.26 -3.61
N LEU A 227 13.63 -17.01 -3.63
CA LEU A 227 12.93 -15.93 -2.85
C LEU A 227 11.49 -15.74 -3.36
N GLN A 228 11.28 -15.74 -4.68
CA GLN A 228 9.91 -15.62 -5.23
C GLN A 228 9.07 -16.82 -4.81
N LYS A 229 9.64 -18.04 -4.91
CA LYS A 229 8.93 -19.28 -4.45
C LYS A 229 8.65 -19.24 -2.95
N ALA A 230 9.52 -18.64 -2.17
CA ALA A 230 9.31 -18.54 -0.71
C ALA A 230 8.04 -17.70 -0.48
N ILE A 231 7.93 -16.55 -1.14
CA ILE A 231 6.75 -15.64 -0.96
C ILE A 231 5.48 -16.33 -1.45
N LEU A 232 5.52 -16.93 -2.64
CA LEU A 232 4.36 -17.60 -3.26
C LEU A 232 4.05 -18.86 -2.44
N GLY A 233 5.01 -19.41 -1.70
CA GLY A 233 4.82 -20.59 -0.83
C GLY A 233 4.12 -20.30 0.49
N LEU A 234 4.01 -19.04 0.92
CA LEU A 234 3.47 -18.74 2.25
C LEU A 234 2.07 -19.39 2.38
N GLU A 235 1.83 -20.05 3.50
CA GLU A 235 0.56 -20.80 3.70
C GLU A 235 0.20 -20.78 5.18
N PRO A 236 -1.10 -20.76 5.52
CA PRO A 236 -1.52 -20.66 6.91
C PRO A 236 -1.45 -21.98 7.71
N THR A 237 -0.23 -22.46 7.91
CA THR A 237 0.14 -23.75 8.52
C THR A 237 0.67 -23.50 9.92
N THR A 238 1.88 -22.97 10.07
CA THR A 238 2.39 -22.64 11.43
C THR A 238 1.72 -21.40 11.99
N PRO A 239 1.77 -21.21 13.32
CA PRO A 239 1.30 -19.98 13.95
C PRO A 239 1.94 -18.75 13.28
N ARG A 240 3.22 -18.81 12.99
CA ARG A 240 3.94 -17.64 12.42
C ARG A 240 3.28 -17.29 11.08
N GLN A 241 3.11 -18.25 10.18
CA GLN A 241 2.53 -17.98 8.83
C GLN A 241 1.04 -17.62 8.94
N VAL A 242 0.30 -18.21 9.90
CA VAL A 242 -1.13 -17.84 10.10
C VAL A 242 -1.19 -16.34 10.41
N THR A 243 -0.35 -15.87 11.33
CA THR A 243 -0.28 -14.45 11.72
C THR A 243 0.12 -13.57 10.53
N ILE A 244 1.19 -13.93 9.82
CA ILE A 244 1.65 -13.13 8.64
C ILE A 244 0.45 -12.96 7.72
N LEU A 245 -0.26 -14.04 7.37
CA LEU A 245 -1.29 -13.96 6.33
C LEU A 245 -2.50 -13.24 6.90
N GLU A 246 -2.82 -13.39 8.19
CA GLU A 246 -3.95 -12.63 8.78
C GLU A 246 -3.65 -11.13 8.74
N LEU A 247 -2.41 -10.71 8.98
CA LEU A 247 -2.06 -9.25 8.95
C LEU A 247 -2.05 -8.71 7.52
N PHE A 248 -1.67 -9.50 6.53
CA PHE A 248 -1.85 -9.19 5.08
C PHE A 248 -3.32 -9.28 4.61
N ALA A 249 -4.18 -9.97 5.38
CA ALA A 249 -5.59 -10.24 5.03
C ALA A 249 -5.67 -10.96 3.68
N ALA A 250 -4.77 -11.91 3.42
CA ALA A 250 -4.66 -12.69 2.16
C ALA A 250 -4.74 -14.17 2.52
N LYS A 251 -5.26 -14.96 1.58
CA LYS A 251 -5.21 -16.45 1.66
C LYS A 251 -3.87 -16.89 1.07
N ARG A 252 -3.38 -16.14 0.08
CA ARG A 252 -2.09 -16.50 -0.54
C ARG A 252 -1.50 -15.31 -1.32
N PHE A 253 -0.24 -15.45 -1.71
CA PHE A 253 0.39 -14.58 -2.71
C PHE A 253 0.29 -15.29 -4.05
N ILE A 254 0.22 -14.52 -5.10
CA ILE A 254 0.07 -14.96 -6.51
C ILE A 254 1.05 -14.17 -7.35
N PRO A 255 1.37 -14.71 -8.55
CA PRO A 255 2.20 -14.02 -9.50
C PRO A 255 1.45 -12.76 -10.01
N VAL A 256 2.20 -11.78 -10.49
CA VAL A 256 1.61 -10.58 -11.19
C VAL A 256 1.38 -10.88 -12.68
N GLU A 257 0.54 -10.11 -13.41
CA GLU A 257 0.55 -10.23 -14.91
C GLU A 257 1.58 -9.22 -15.46
N ALA A 258 2.35 -9.59 -16.50
CA ALA A 258 3.28 -8.67 -17.25
C ALA A 258 2.59 -7.31 -17.55
N SER A 259 3.16 -6.19 -17.05
CA SER A 259 2.70 -4.82 -17.35
C SER A 259 1.26 -4.61 -16.87
N GLN A 260 0.85 -5.36 -15.85
CA GLN A 260 -0.44 -5.02 -15.20
C GLN A 260 -0.35 -3.65 -14.50
N TYR A 261 0.83 -3.06 -14.35
CA TYR A 261 1.00 -1.72 -13.70
C TYR A 261 0.91 -0.56 -14.71
N LYS A 262 0.77 -0.83 -16.02
CA LYS A 262 0.72 0.28 -17.03
C LYS A 262 -0.43 1.25 -16.73
N PRO A 263 -1.64 0.84 -16.30
CA PRO A 263 -2.71 1.81 -15.97
C PRO A 263 -2.39 2.69 -14.75
N ILE A 264 -1.70 2.14 -13.73
CA ILE A 264 -1.27 2.94 -12.56
C ILE A 264 -0.19 3.92 -13.01
N GLU A 265 0.77 3.47 -13.81
CA GLU A 265 1.79 4.42 -14.32
C GLU A 265 1.09 5.54 -15.08
N LYS A 266 0.11 5.20 -15.91
CA LYS A 266 -0.56 6.22 -16.76
C LYS A 266 -1.20 7.29 -15.87
N VAL A 267 -1.92 6.86 -14.82
CA VAL A 267 -2.53 7.81 -13.84
C VAL A 267 -1.46 8.63 -13.16
N GLY A 268 -0.36 8.00 -12.76
CA GLY A 268 0.78 8.70 -12.14
C GLY A 268 1.31 9.83 -13.02
N ARG A 269 1.46 9.57 -14.31
CA ARG A 269 1.89 10.60 -15.31
C ARG A 269 0.78 11.64 -15.48
N GLU A 270 -0.47 11.22 -15.54
CA GLU A 270 -1.59 12.20 -15.69
C GLU A 270 -1.59 13.17 -14.52
N LEU A 271 -1.30 12.72 -13.30
CA LEU A 271 -1.50 13.59 -12.13
C LEU A 271 -0.16 14.20 -11.72
N GLY A 272 0.90 14.05 -12.53
CA GLY A 272 2.21 14.69 -12.29
C GLY A 272 3.00 13.99 -11.20
N LYS A 273 2.66 12.77 -10.77
CA LYS A 273 3.37 12.12 -9.63
C LYS A 273 4.54 11.27 -10.15
N ILE A 274 4.71 11.17 -11.45
CA ILE A 274 5.81 10.39 -12.08
C ILE A 274 6.47 11.35 -13.06
N ARG A 275 7.78 11.56 -12.84
CA ARG A 275 8.69 12.57 -13.45
C ARG A 275 8.60 12.49 -14.99
CL CL B . 1.73 15.82 -3.76
CL CL C . 22.85 -11.78 -11.18
CL CL D . -6.55 20.93 -7.49
CL CL E . -4.21 19.37 -2.37
CL CL F . 10.20 -21.81 0.43
CL CL G . 20.78 -9.29 8.90
CL CL H . 23.28 -5.67 6.04
CL CL I . 9.54 7.99 -10.97
CL CL J . 6.63 -2.06 -10.11
CL CL K . -6.83 21.38 4.38
C1 EDO L . -9.58 -5.38 -0.67
O1 EDO L . -10.13 -6.64 -0.93
C2 EDO L . -9.82 -4.53 -1.85
O2 EDO L . -9.30 -3.26 -1.64
H11 EDO L . -8.61 -5.47 -0.51
H12 EDO L . -10.01 -4.98 0.11
HO1 EDO L . -9.98 -7.12 -0.24
H21 EDO L . -10.79 -4.46 -2.02
H22 EDO L . -9.39 -4.94 -2.64
HO2 EDO L . -8.80 -3.26 -0.96
C1 EDO M . -7.47 2.54 13.10
O1 EDO M . -6.86 1.32 12.70
C2 EDO M . -6.46 3.60 13.33
O2 EDO M . -6.97 4.89 13.11
H11 EDO M . -7.96 2.38 13.94
H12 EDO M . -8.09 2.83 12.41
HO1 EDO M . -7.46 0.74 12.54
H21 EDO M . -5.69 3.45 12.74
H22 EDO M . -6.14 3.54 14.26
HO2 EDO M . -7.82 4.87 13.11
C1 EDO N . -0.70 -5.36 5.04
O1 EDO N . -1.96 -4.82 5.52
C2 EDO N . 0.32 -4.42 4.42
O2 EDO N . -0.16 -3.38 3.43
H11 EDO N . -0.90 -6.04 4.37
H12 EDO N . -0.25 -5.81 5.79
HO1 EDO N . -2.42 -5.41 5.89
H21 EDO N . 1.00 -4.97 3.97
H22 EDO N . 0.77 -3.95 5.16
HO2 EDO N . -1.00 -3.45 3.35
P PO4 O . -0.78 2.29 -1.35
O1 PO4 O . -2.20 1.91 -1.79
O2 PO4 O . -0.09 0.96 -1.07
O3 PO4 O . -0.89 3.11 -0.09
O4 PO4 O . -0.01 2.95 -2.39
#